data_7SB2
#
_entry.id   7SB2
#
_cell.length_a   1.00
_cell.length_b   1.00
_cell.length_c   1.00
_cell.angle_alpha   90.00
_cell.angle_beta   90.00
_cell.angle_gamma   90.00
#
_symmetry.space_group_name_H-M   'P 1'
#
_entity_poly.entity_id   1
_entity_poly.type   'polypeptide(L)'
_entity_poly.pdbx_seq_one_letter_code
;MAGGNSPRQKMINLMYLVFISMLALNMGKEVLSAFGLMNEKLEASNEKANNANINAIQALEQNNAENPDQFAEAFQKSKK
VKELSDSFYNYIEGIKGEVMNQVGEDKKDYQVMDKSDYLDQKFFVGDNYKPEGEEFVRQINDYKTQLVELLGGKEGTYGE
LVGKIDGNFNTNDVVDREGVTRKWLNYNFEGFPYIASVAKLSMMQSDIRATEQEVYAEMLKGQLKSQISMTNYTTLLEQS
KGAYYQGESFDGAIVLGRKDASTRPNEVELMLDGRKLSASEFQIEDGKVKLKVGAGNAGEHKITGNLYFDQDGKRIAVPV
SQVFSTIPKPENLYFQGQFGSWSHPQFEKGGGSGGGSGGGSWSHPQFEK
;
_entity_poly.pdbx_strand_id   A,B
#
# COMPACT_ATOMS: atom_id res chain seq x y z
N MET A 27 -36.44 14.63 23.96
CA MET A 27 -35.55 14.15 22.91
C MET A 27 -34.19 13.80 23.53
N GLY A 28 -33.55 12.78 23.00
CA GLY A 28 -32.31 12.28 23.57
C GLY A 28 -31.16 13.26 23.47
N LYS A 29 -30.77 13.83 24.62
CA LYS A 29 -29.65 14.77 24.63
C LYS A 29 -28.37 14.11 24.17
N GLU A 30 -28.11 12.89 24.65
CA GLU A 30 -26.93 12.17 24.21
C GLU A 30 -27.03 11.77 22.74
N VAL A 31 -28.24 11.65 22.23
CA VAL A 31 -28.40 11.43 20.80
C VAL A 31 -27.96 12.68 20.05
N LEU A 32 -27.39 12.47 18.87
CA LEU A 32 -26.84 13.53 18.02
C LEU A 32 -25.59 14.12 18.65
N SER A 33 -25.33 13.82 19.92
CA SER A 33 -24.01 14.05 20.45
C SER A 33 -23.07 12.97 19.98
N ALA A 34 -23.58 11.72 19.96
CA ALA A 34 -22.84 10.63 19.35
C ALA A 34 -22.48 10.95 17.92
N PHE A 35 -23.43 11.51 17.16
CA PHE A 35 -23.15 11.89 15.79
C PHE A 35 -22.03 12.93 15.75
N GLY A 36 -22.03 13.86 16.69
CA GLY A 36 -20.97 14.84 16.73
C GLY A 36 -19.61 14.21 16.96
N LEU A 37 -19.54 13.26 17.88
CA LEU A 37 -18.27 12.58 18.10
C LEU A 37 -17.85 11.80 16.86
N MET A 38 -18.80 11.16 16.19
CA MET A 38 -18.51 10.53 14.91
C MET A 38 -17.81 11.53 14.00
N ASN A 39 -18.47 12.67 13.78
CA ASN A 39 -17.99 13.63 12.81
C ASN A 39 -16.64 14.20 13.22
N GLU A 40 -16.42 14.43 14.51
CA GLU A 40 -15.13 14.95 14.93
C GLU A 40 -14.02 13.96 14.64
N LYS A 41 -14.22 12.71 15.03
CA LYS A 41 -13.20 11.69 14.76
C LYS A 41 -12.98 11.55 13.26
N LEU A 42 -14.05 11.59 12.49
CA LEU A 42 -13.96 11.39 11.05
C LEU A 42 -13.24 12.54 10.38
N GLU A 43 -13.47 13.77 10.84
CA GLU A 43 -12.79 14.92 10.26
C GLU A 43 -11.31 14.90 10.60
N ALA A 44 -10.97 14.57 11.85
CA ALA A 44 -9.56 14.50 12.19
C ALA A 44 -8.86 13.42 11.36
N SER A 45 -9.49 12.25 11.26
CA SER A 45 -8.90 11.19 10.45
C SER A 45 -8.79 11.61 9.00
N ASN A 46 -9.77 12.35 8.50
CA ASN A 46 -9.75 12.77 7.12
C ASN A 46 -8.63 13.77 6.86
N GLU A 47 -8.37 14.66 7.81
CA GLU A 47 -7.24 15.56 7.67
C GLU A 47 -5.94 14.79 7.63
N LYS A 48 -5.78 13.81 8.52
CA LYS A 48 -4.57 13.01 8.50
C LYS A 48 -4.44 12.23 7.20
N ALA A 49 -5.54 11.68 6.72
CA ALA A 49 -5.52 10.89 5.49
C ALA A 49 -5.18 11.77 4.30
N ASN A 50 -5.70 12.98 4.27
CA ASN A 50 -5.36 13.91 3.20
C ASN A 50 -3.89 14.26 3.24
N ASN A 51 -3.34 14.47 4.44
CA ASN A 51 -1.90 14.75 4.52
C ASN A 51 -1.10 13.59 3.96
N ALA A 52 -1.48 12.37 4.36
CA ALA A 52 -0.75 11.20 3.90
C ALA A 52 -0.89 11.02 2.40
N ASN A 53 -2.08 11.29 1.86
CA ASN A 53 -2.30 11.16 0.43
C ASN A 53 -1.49 12.18 -0.36
N ILE A 54 -1.46 13.42 0.13
CA ILE A 54 -0.64 14.43 -0.53
C ILE A 54 0.82 14.02 -0.48
N ASN A 55 1.27 13.47 0.65
CA ASN A 55 2.65 12.99 0.73
C ASN A 55 2.90 11.91 -0.30
N ALA A 56 1.98 10.97 -0.44
CA ALA A 56 2.16 9.89 -1.39
C ALA A 56 2.19 10.42 -2.82
N ILE A 57 1.34 11.40 -3.12
CA ILE A 57 1.34 11.97 -4.46
C ILE A 57 2.62 12.71 -4.73
N GLN A 58 3.13 13.44 -3.73
CA GLN A 58 4.41 14.11 -3.89
C GLN A 58 5.52 13.09 -4.13
N ALA A 59 5.47 11.97 -3.43
CA ALA A 59 6.46 10.93 -3.65
C ALA A 59 6.35 10.39 -5.07
N LEU A 60 5.13 10.18 -5.55
CA LEU A 60 4.96 9.71 -6.93
C LEU A 60 5.49 10.72 -7.93
N GLU A 61 5.26 12.00 -7.69
CA GLU A 61 5.75 12.98 -8.64
C GLU A 61 7.27 13.05 -8.60
N GLN A 62 7.87 12.84 -7.43
CA GLN A 62 9.32 12.77 -7.38
C GLN A 62 9.80 11.56 -8.18
N ASN A 63 9.10 10.44 -8.05
CA ASN A 63 9.48 9.25 -8.81
C ASN A 63 9.32 9.48 -10.30
N ASN A 64 8.32 10.24 -10.70
CA ASN A 64 8.17 10.54 -12.11
C ASN A 64 9.24 11.49 -12.59
N ALA A 65 9.79 12.31 -11.68
CA ALA A 65 10.86 13.20 -12.06
C ALA A 65 12.05 12.44 -12.61
N GLU A 66 12.42 11.34 -11.96
CA GLU A 66 13.58 10.55 -12.36
C GLU A 66 13.11 9.15 -12.74
N ASN A 67 13.49 8.71 -13.93
CA ASN A 67 12.82 7.60 -14.58
C ASN A 67 11.34 7.92 -14.75
N PRO A 68 11.00 8.92 -15.55
CA PRO A 68 9.58 9.13 -15.86
C PRO A 68 8.98 7.98 -16.61
N ASP A 69 9.80 7.24 -17.34
CA ASP A 69 9.29 6.12 -18.13
C ASP A 69 8.69 5.03 -17.24
N GLN A 70 9.33 4.73 -16.10
CA GLN A 70 8.80 3.70 -15.23
C GLN A 70 7.50 4.15 -14.58
N PHE A 71 7.49 5.34 -14.00
CA PHE A 71 6.40 5.78 -13.15
C PHE A 71 5.39 6.64 -13.89
N ALA A 72 5.45 6.71 -15.21
CA ALA A 72 4.56 7.59 -15.94
C ALA A 72 3.11 7.22 -15.69
N GLU A 73 2.70 6.06 -16.22
CA GLU A 73 1.30 5.66 -16.15
C GLU A 73 0.80 5.66 -14.72
N ALA A 74 1.65 5.23 -13.79
CA ALA A 74 1.28 5.30 -12.38
C ALA A 74 1.00 6.73 -11.97
N PHE A 75 1.84 7.66 -12.39
CA PHE A 75 1.66 9.05 -11.98
C PHE A 75 0.40 9.64 -12.58
N GLN A 76 0.18 9.44 -13.87
CA GLN A 76 -1.02 10.01 -14.48
C GLN A 76 -2.30 9.39 -13.92
N LYS A 77 -2.34 8.08 -13.73
CA LYS A 77 -3.57 7.50 -13.21
C LYS A 77 -3.79 7.91 -11.75
N SER A 78 -2.72 8.01 -10.99
CA SER A 78 -2.84 8.51 -9.63
C SER A 78 -3.31 9.95 -9.62
N LYS A 79 -2.82 10.77 -10.56
CA LYS A 79 -3.26 12.16 -10.64
C LYS A 79 -4.74 12.24 -10.98
N LYS A 80 -5.20 11.41 -11.91
CA LYS A 80 -6.61 11.42 -12.25
C LYS A 80 -7.44 11.06 -11.03
N VAL A 81 -7.01 10.02 -10.30
CA VAL A 81 -7.72 9.66 -9.08
C VAL A 81 -7.69 10.82 -8.10
N LYS A 82 -6.57 11.52 -8.02
CA LYS A 82 -6.43 12.63 -7.10
C LYS A 82 -7.44 13.71 -7.41
N GLU A 83 -7.56 14.05 -8.70
CA GLU A 83 -8.43 15.18 -9.05
C GLU A 83 -9.89 14.79 -8.98
N LEU A 84 -10.24 13.56 -9.37
CA LEU A 84 -11.62 13.11 -9.18
C LEU A 84 -11.99 13.11 -7.72
N SER A 85 -11.13 12.54 -6.89
CA SER A 85 -11.40 12.48 -5.47
C SER A 85 -11.51 13.87 -4.88
N ASP A 86 -10.64 14.80 -5.32
CA ASP A 86 -10.68 16.14 -4.76
C ASP A 86 -11.92 16.88 -5.19
N SER A 87 -12.30 16.77 -6.46
CA SER A 87 -13.53 17.40 -6.93
C SER A 87 -14.72 16.90 -6.13
N PHE A 88 -14.84 15.59 -6.02
CA PHE A 88 -15.96 15.00 -5.31
C PHE A 88 -15.95 15.38 -3.83
N TYR A 89 -14.77 15.36 -3.22
CA TYR A 89 -14.65 15.73 -1.82
C TYR A 89 -15.07 17.17 -1.62
N ASN A 90 -14.67 18.05 -2.54
CA ASN A 90 -15.02 19.45 -2.43
C ASN A 90 -16.51 19.66 -2.60
N TYR A 91 -17.14 18.88 -3.48
CA TYR A 91 -18.59 18.94 -3.61
C TYR A 91 -19.27 18.56 -2.31
N ILE A 92 -18.83 17.46 -1.71
CA ILE A 92 -19.39 17.02 -0.44
C ILE A 92 -19.16 18.09 0.62
N GLU A 93 -17.96 18.66 0.64
CA GLU A 93 -17.62 19.66 1.63
C GLU A 93 -18.44 20.93 1.42
N GLY A 94 -18.78 21.25 0.17
CA GLY A 94 -19.66 22.37 -0.07
C GLY A 94 -21.04 22.13 0.51
N ILE A 95 -21.56 20.92 0.34
CA ILE A 95 -22.83 20.60 0.99
C ILE A 95 -22.70 20.71 2.51
N LYS A 96 -21.58 20.25 3.04
CA LYS A 96 -21.36 20.32 4.48
C LYS A 96 -21.33 21.77 4.96
N GLY A 97 -20.61 22.62 4.25
CA GLY A 97 -20.58 24.03 4.63
C GLY A 97 -21.94 24.67 4.50
N GLU A 98 -22.71 24.25 3.51
CA GLU A 98 -24.08 24.73 3.36
C GLU A 98 -24.87 24.44 4.62
N VAL A 99 -24.85 23.19 5.08
CA VAL A 99 -25.64 22.87 6.26
C VAL A 99 -25.06 23.50 7.52
N MET A 100 -23.74 23.68 7.57
CA MET A 100 -23.13 24.42 8.68
C MET A 100 -23.68 25.84 8.76
N ASN A 101 -23.79 26.50 7.61
CA ASN A 101 -24.44 27.81 7.59
C ASN A 101 -25.91 27.69 7.96
N GLN A 102 -26.55 26.59 7.58
CA GLN A 102 -27.96 26.40 7.89
C GLN A 102 -28.20 26.41 9.39
N VAL A 103 -27.39 25.67 10.14
CA VAL A 103 -27.62 25.59 11.58
C VAL A 103 -27.27 26.91 12.26
N GLY A 104 -26.13 27.49 11.93
CA GLY A 104 -25.70 28.72 12.55
C GLY A 104 -24.30 28.61 13.10
N GLU A 105 -23.89 29.63 13.85
CA GLU A 105 -22.51 29.76 14.31
C GLU A 105 -22.13 28.70 15.35
N ASP A 106 -23.11 28.13 16.05
CA ASP A 106 -22.85 27.11 17.05
C ASP A 106 -22.44 25.81 16.37
N LYS A 107 -21.15 25.52 16.36
CA LYS A 107 -20.61 24.37 15.63
C LYS A 107 -20.33 23.17 16.51
N LYS A 108 -19.56 23.33 17.57
CA LYS A 108 -19.28 22.24 18.48
C LYS A 108 -20.48 21.87 19.34
N ASP A 109 -21.56 22.65 19.28
CA ASP A 109 -22.84 22.24 19.84
C ASP A 109 -23.56 21.40 18.78
N TYR A 110 -24.03 20.22 19.19
CA TYR A 110 -24.65 19.30 18.25
C TYR A 110 -26.13 19.08 18.50
N GLN A 111 -26.60 19.26 19.73
CA GLN A 111 -28.01 19.03 20.04
C GLN A 111 -28.90 20.02 19.29
N VAL A 112 -28.30 20.90 18.51
CA VAL A 112 -29.03 21.92 17.78
C VAL A 112 -29.29 21.48 16.35
N MET A 113 -28.36 20.73 15.75
CA MET A 113 -28.59 20.33 14.36
C MET A 113 -29.70 19.29 14.28
N ASP A 114 -30.92 19.70 14.61
CA ASP A 114 -32.10 18.84 14.55
C ASP A 114 -33.20 19.62 13.85
N LYS A 115 -33.22 19.56 12.53
CA LYS A 115 -34.36 20.11 11.81
C LYS A 115 -34.91 19.15 10.76
N SER A 116 -34.03 18.46 10.03
CA SER A 116 -34.44 17.51 9.00
C SER A 116 -35.30 18.15 7.92
N ASP A 117 -35.12 19.44 7.67
CA ASP A 117 -35.97 20.18 6.76
C ASP A 117 -35.25 20.65 5.51
N TYR A 118 -34.15 21.40 5.68
CA TYR A 118 -33.54 22.09 4.54
C TYR A 118 -33.10 21.12 3.47
N LEU A 119 -32.61 19.94 3.88
CA LEU A 119 -32.00 19.03 2.92
C LEU A 119 -33.03 18.48 1.95
N ASP A 120 -34.13 17.92 2.47
CA ASP A 120 -35.10 17.26 1.61
C ASP A 120 -35.72 18.24 0.63
N GLN A 121 -36.12 19.41 1.11
CA GLN A 121 -36.62 20.45 0.23
C GLN A 121 -35.52 21.02 -0.65
N LYS A 122 -34.25 20.76 -0.33
CA LYS A 122 -33.15 21.08 -1.21
C LYS A 122 -32.78 19.92 -2.12
N PHE A 123 -33.36 18.75 -1.91
CA PHE A 123 -32.97 17.56 -2.65
C PHE A 123 -34.09 16.94 -3.46
N PHE A 124 -35.34 17.07 -3.04
CA PHE A 124 -36.43 16.35 -3.66
C PHE A 124 -37.63 17.24 -3.87
N VAL A 125 -38.46 16.87 -4.82
CA VAL A 125 -39.77 17.47 -5.03
C VAL A 125 -40.81 16.40 -4.74
N GLY A 126 -41.48 16.53 -3.60
CA GLY A 126 -42.46 15.54 -3.21
C GLY A 126 -41.85 14.16 -3.12
N ASP A 127 -42.15 13.33 -4.13
CA ASP A 127 -41.56 12.02 -4.25
C ASP A 127 -40.65 11.90 -5.47
N ASN A 128 -40.04 13.00 -5.88
CA ASN A 128 -39.13 13.01 -7.02
C ASN A 128 -37.89 13.83 -6.69
N TYR A 129 -36.79 13.48 -7.35
CA TYR A 129 -35.53 14.14 -7.12
C TYR A 129 -35.59 15.59 -7.58
N LYS A 130 -34.92 16.46 -6.84
CA LYS A 130 -34.62 17.77 -7.42
C LYS A 130 -33.42 17.64 -8.35
N PRO A 131 -33.27 18.56 -9.31
CA PRO A 131 -32.13 18.45 -10.24
C PRO A 131 -30.79 18.45 -9.54
N GLU A 132 -30.64 19.23 -8.47
CA GLU A 132 -29.39 19.22 -7.73
C GLU A 132 -29.20 17.92 -6.96
N GLY A 133 -30.27 17.40 -6.35
CA GLY A 133 -30.20 16.08 -5.78
C GLY A 133 -29.87 15.04 -6.82
N GLU A 134 -30.53 15.12 -7.96
CA GLU A 134 -30.12 14.32 -9.11
C GLU A 134 -28.66 14.61 -9.45
N GLU A 135 -28.26 15.88 -9.42
CA GLU A 135 -26.87 16.21 -9.70
C GLU A 135 -25.94 15.56 -8.69
N PHE A 136 -26.32 15.58 -7.42
CA PHE A 136 -25.48 14.98 -6.38
C PHE A 136 -25.31 13.49 -6.61
N VAL A 137 -26.40 12.78 -6.84
CA VAL A 137 -26.31 11.34 -7.03
C VAL A 137 -25.55 11.00 -8.30
N ARG A 138 -25.79 11.75 -9.37
CA ARG A 138 -25.06 11.46 -10.60
C ARG A 138 -23.60 11.81 -10.46
N GLN A 139 -23.26 12.78 -9.60
CA GLN A 139 -21.87 13.04 -9.27
C GLN A 139 -21.24 11.82 -8.60
N ILE A 140 -21.97 11.22 -7.66
CA ILE A 140 -21.48 10.01 -7.01
C ILE A 140 -21.24 8.92 -8.03
N ASN A 141 -22.22 8.69 -8.90
CA ASN A 141 -22.12 7.63 -9.89
C ASN A 141 -20.99 7.90 -10.86
N ASP A 142 -20.82 9.16 -11.25
CA ASP A 142 -19.73 9.56 -12.11
C ASP A 142 -18.40 9.23 -11.46
N TYR A 143 -18.25 9.58 -10.19
CA TYR A 143 -17.02 9.26 -9.47
C TYR A 143 -16.76 7.77 -9.56
N LYS A 144 -17.74 6.97 -9.18
CA LYS A 144 -17.54 5.53 -9.16
C LYS A 144 -17.16 5.02 -10.54
N THR A 145 -17.91 5.42 -11.57
CA THR A 145 -17.71 4.80 -12.87
C THR A 145 -16.39 5.21 -13.48
N GLN A 146 -16.02 6.49 -13.38
CA GLN A 146 -14.73 6.89 -13.90
C GLN A 146 -13.60 6.22 -13.14
N LEU A 147 -13.73 6.12 -11.82
CA LEU A 147 -12.69 5.49 -11.03
C LEU A 147 -12.51 4.03 -11.44
N VAL A 148 -13.60 3.28 -11.51
CA VAL A 148 -13.51 1.86 -11.81
C VAL A 148 -13.04 1.63 -13.24
N GLU A 149 -13.49 2.47 -14.18
CA GLU A 149 -13.05 2.31 -15.55
C GLU A 149 -11.57 2.69 -15.70
N LEU A 150 -11.10 3.61 -14.86
CA LEU A 150 -9.67 3.87 -14.80
C LEU A 150 -8.92 2.64 -14.32
N LEU A 151 -9.45 1.97 -13.31
CA LEU A 151 -8.77 0.78 -12.80
C LEU A 151 -8.92 -0.41 -13.72
N GLY A 152 -9.99 -0.45 -14.51
CA GLY A 152 -10.34 -1.64 -15.25
C GLY A 152 -11.43 -2.37 -14.50
N GLY A 153 -12.68 -2.12 -14.87
CA GLY A 153 -13.81 -2.51 -14.05
C GLY A 153 -13.95 -3.98 -13.72
N LYS A 154 -13.99 -4.31 -12.43
CA LYS A 154 -14.36 -5.63 -11.94
C LYS A 154 -13.44 -6.73 -12.43
N GLU A 155 -12.42 -6.38 -13.22
CA GLU A 155 -11.55 -7.35 -13.83
C GLU A 155 -10.14 -6.80 -13.88
N GLY A 156 -9.24 -7.56 -14.47
CA GLY A 156 -7.87 -7.14 -14.52
C GLY A 156 -7.26 -7.14 -13.12
N THR A 157 -6.08 -6.54 -13.04
CA THR A 157 -5.36 -6.53 -11.78
C THR A 157 -6.12 -5.68 -10.76
N TYR A 158 -6.06 -6.12 -9.50
CA TYR A 158 -6.70 -5.46 -8.36
C TYR A 158 -8.13 -5.03 -8.67
N GLY A 159 -8.97 -6.05 -8.92
CA GLY A 159 -10.39 -5.79 -9.07
C GLY A 159 -11.15 -5.81 -7.76
N GLU A 160 -10.62 -6.47 -6.74
CA GLU A 160 -11.29 -6.46 -5.44
C GLU A 160 -11.43 -5.05 -4.92
N LEU A 161 -10.49 -4.18 -5.30
CA LEU A 161 -10.62 -2.76 -5.00
C LEU A 161 -11.86 -2.18 -5.67
N VAL A 162 -12.14 -2.63 -6.90
CA VAL A 162 -13.36 -2.21 -7.57
C VAL A 162 -14.56 -2.64 -6.74
N GLY A 163 -14.51 -3.84 -6.17
CA GLY A 163 -15.56 -4.25 -5.25
C GLY A 163 -15.68 -3.32 -4.07
N LYS A 164 -14.55 -2.90 -3.52
CA LYS A 164 -14.59 -1.99 -2.38
C LYS A 164 -15.27 -0.69 -2.75
N ILE A 165 -14.88 -0.11 -3.88
CA ILE A 165 -15.46 1.17 -4.28
C ILE A 165 -16.95 1.01 -4.55
N ASP A 166 -17.33 -0.06 -5.26
CA ASP A 166 -18.74 -0.32 -5.51
C ASP A 166 -19.52 -0.39 -4.21
N GLY A 167 -19.01 -1.14 -3.24
CA GLY A 167 -19.69 -1.22 -1.96
C GLY A 167 -19.76 0.11 -1.26
N ASN A 168 -18.75 0.95 -1.44
CA ASN A 168 -18.73 2.23 -0.75
C ASN A 168 -19.68 3.22 -1.40
N PHE A 169 -19.55 3.42 -2.70
CA PHE A 169 -20.45 4.29 -3.46
C PHE A 169 -21.31 3.42 -4.37
N ASN A 170 -22.44 2.99 -3.84
CA ASN A 170 -23.44 2.29 -4.63
C ASN A 170 -24.76 3.02 -4.51
N THR A 171 -25.37 3.32 -5.66
CA THR A 171 -26.60 4.09 -5.71
C THR A 171 -27.80 3.24 -6.06
N ASN A 172 -27.64 1.92 -6.13
CA ASN A 172 -28.77 1.06 -6.44
C ASN A 172 -29.84 1.20 -5.37
N ASP A 173 -31.08 1.38 -5.81
CA ASP A 173 -32.19 1.54 -4.88
C ASP A 173 -32.31 0.30 -4.00
N VAL A 174 -32.43 0.53 -2.70
CA VAL A 174 -32.46 -0.54 -1.74
C VAL A 174 -33.91 -0.85 -1.39
N VAL A 175 -34.14 -2.08 -0.96
CA VAL A 175 -35.44 -2.51 -0.48
C VAL A 175 -35.42 -2.50 1.04
N ASP A 176 -36.42 -1.86 1.63
CA ASP A 176 -36.48 -1.80 3.09
C ASP A 176 -36.84 -3.17 3.64
N ARG A 177 -36.67 -3.32 4.96
CA ARG A 177 -37.13 -4.52 5.62
C ARG A 177 -38.63 -4.71 5.44
N GLU A 178 -39.37 -3.62 5.29
CA GLU A 178 -40.80 -3.66 5.04
C GLU A 178 -41.14 -3.94 3.58
N GLY A 179 -40.13 -4.24 2.75
CA GLY A 179 -40.37 -4.63 1.38
C GLY A 179 -40.39 -3.51 0.37
N VAL A 180 -40.54 -2.26 0.81
CA VAL A 180 -40.59 -1.15 -0.13
C VAL A 180 -39.21 -0.91 -0.70
N THR A 181 -39.13 -0.76 -2.02
CA THR A 181 -37.88 -0.43 -2.69
C THR A 181 -37.71 1.09 -2.64
N ARG A 182 -37.30 1.56 -1.46
CA ARG A 182 -37.16 2.99 -1.24
C ARG A 182 -36.10 3.57 -2.15
N LYS A 183 -36.32 4.81 -2.59
CA LYS A 183 -35.36 5.48 -3.45
C LYS A 183 -34.04 5.68 -2.70
N TRP A 184 -32.93 5.51 -3.44
CA TRP A 184 -31.62 5.45 -2.81
C TRP A 184 -31.32 6.72 -2.03
N LEU A 185 -31.41 7.88 -2.67
CA LEU A 185 -31.18 9.12 -1.95
C LEU A 185 -32.23 9.34 -0.90
N ASN A 186 -33.48 9.00 -1.21
CA ASN A 186 -34.56 9.19 -0.25
C ASN A 186 -34.29 8.41 1.02
N TYR A 187 -33.99 7.12 0.87
CA TYR A 187 -33.68 6.30 2.04
C TYR A 187 -32.44 6.81 2.75
N ASN A 188 -31.40 7.14 1.99
CA ASN A 188 -30.12 7.49 2.60
C ASN A 188 -30.19 8.79 3.39
N PHE A 189 -31.06 9.72 3.00
CA PHE A 189 -30.95 11.08 3.51
C PHE A 189 -32.23 11.70 4.06
N GLU A 190 -33.41 11.26 3.65
CA GLU A 190 -34.63 11.93 4.09
C GLU A 190 -34.82 11.81 5.60
N GLY A 191 -35.56 12.77 6.15
CA GLY A 191 -36.01 12.70 7.52
C GLY A 191 -34.91 12.65 8.55
N PHE A 192 -33.72 13.04 8.18
CA PHE A 192 -32.64 12.85 9.13
C PHE A 192 -32.15 14.19 9.65
N PRO A 193 -31.65 14.22 10.89
CA PRO A 193 -31.10 15.47 11.43
C PRO A 193 -29.97 16.00 10.56
N TYR A 194 -29.79 17.31 10.60
CA TYR A 194 -28.76 17.92 9.79
C TYR A 194 -27.39 17.34 10.13
N ILE A 195 -27.11 17.18 11.42
CA ILE A 195 -25.84 16.57 11.81
C ILE A 195 -25.75 15.13 11.32
N ALA A 196 -26.90 14.45 11.21
CA ALA A 196 -26.87 13.07 10.74
C ALA A 196 -26.36 12.98 9.32
N SER A 197 -26.92 13.79 8.42
CA SER A 197 -26.42 13.80 7.05
C SER A 197 -25.02 14.40 6.98
N VAL A 198 -24.68 15.27 7.93
CA VAL A 198 -23.31 15.77 7.99
C VAL A 198 -22.35 14.62 8.23
N ALA A 199 -22.68 13.75 9.18
CA ALA A 199 -21.84 12.60 9.45
C ALA A 199 -21.84 11.64 8.27
N LYS A 200 -22.98 11.48 7.61
CA LYS A 200 -23.06 10.65 6.43
C LYS A 200 -22.08 11.14 5.37
N LEU A 201 -22.08 12.44 5.13
CA LEU A 201 -21.20 13.02 4.13
C LEU A 201 -19.75 12.97 4.59
N SER A 202 -19.51 13.10 5.89
CA SER A 202 -18.15 12.97 6.41
C SER A 202 -17.61 11.59 6.12
N MET A 203 -18.43 10.56 6.34
CA MET A 203 -17.95 9.22 6.08
C MET A 203 -17.88 8.96 4.59
N MET A 204 -18.68 9.65 3.78
CA MET A 204 -18.48 9.57 2.34
C MET A 204 -17.12 10.12 1.97
N GLN A 205 -16.74 11.26 2.56
CA GLN A 205 -15.41 11.82 2.33
C GLN A 205 -14.34 10.86 2.80
N SER A 206 -14.54 10.24 3.97
CA SER A 206 -13.58 9.26 4.46
C SER A 206 -13.48 8.09 3.50
N ASP A 207 -14.58 7.71 2.88
CA ASP A 207 -14.55 6.65 1.88
C ASP A 207 -13.70 7.08 0.70
N ILE A 208 -13.83 8.33 0.29
CA ILE A 208 -13.04 8.83 -0.83
C ILE A 208 -11.56 8.82 -0.48
N ARG A 209 -11.23 9.24 0.74
CA ARG A 209 -9.83 9.25 1.16
C ARG A 209 -9.28 7.83 1.26
N ALA A 210 -10.07 6.91 1.81
CA ALA A 210 -9.65 5.52 1.91
C ALA A 210 -9.44 4.93 0.53
N THR A 211 -10.33 5.22 -0.41
CA THR A 211 -10.17 4.74 -1.76
C THR A 211 -8.92 5.31 -2.40
N GLU A 212 -8.64 6.59 -2.15
CA GLU A 212 -7.38 7.16 -2.59
C GLU A 212 -6.22 6.35 -2.05
N GLN A 213 -6.05 6.38 -0.73
CA GLN A 213 -4.95 5.70 -0.07
C GLN A 213 -4.74 4.31 -0.65
N GLU A 214 -5.82 3.56 -0.78
CA GLU A 214 -5.74 2.23 -1.36
C GLU A 214 -5.29 2.28 -2.81
N VAL A 215 -5.79 3.24 -3.60
CA VAL A 215 -5.50 3.26 -5.03
C VAL A 215 -4.04 3.61 -5.27
N TYR A 216 -3.53 4.61 -4.57
CA TYR A 216 -2.11 4.89 -4.68
C TYR A 216 -1.30 3.70 -4.23
N ALA A 217 -1.74 3.04 -3.15
CA ALA A 217 -1.05 1.86 -2.69
C ALA A 217 -0.94 0.83 -3.80
N GLU A 218 -2.06 0.49 -4.44
CA GLU A 218 -2.05 -0.52 -5.47
C GLU A 218 -1.22 -0.10 -6.67
N MET A 219 -1.34 1.17 -7.08
CA MET A 219 -0.60 1.62 -8.25
C MET A 219 0.90 1.55 -8.03
N LEU A 220 1.39 2.13 -6.94
CA LEU A 220 2.81 2.08 -6.67
C LEU A 220 3.28 0.66 -6.42
N LYS A 221 2.47 -0.14 -5.74
CA LYS A 221 2.85 -1.53 -5.49
C LYS A 221 2.98 -2.30 -6.79
N GLY A 222 2.01 -2.12 -7.70
CA GLY A 222 2.09 -2.80 -8.97
C GLY A 222 3.29 -2.37 -9.77
N GLN A 223 3.64 -1.09 -9.71
CA GLN A 223 4.85 -0.65 -10.38
C GLN A 223 6.07 -1.32 -9.79
N LEU A 224 6.19 -1.31 -8.46
CA LEU A 224 7.34 -1.92 -7.83
C LEU A 224 7.45 -3.38 -8.22
N LYS A 225 6.33 -4.11 -8.18
CA LYS A 225 6.35 -5.51 -8.58
C LYS A 225 6.74 -5.64 -10.04
N SER A 226 6.40 -4.65 -10.85
CA SER A 226 6.86 -4.64 -12.23
C SER A 226 8.35 -4.38 -12.33
N GLN A 227 8.96 -3.85 -11.28
CA GLN A 227 10.41 -3.65 -11.30
C GLN A 227 11.17 -4.77 -10.63
N ILE A 228 10.59 -5.40 -9.61
CA ILE A 228 11.29 -6.49 -8.92
C ILE A 228 11.26 -7.78 -9.70
N SER A 229 10.27 -7.93 -10.58
CA SER A 229 10.05 -9.19 -11.30
C SER A 229 11.32 -9.66 -11.98
N MET A 230 11.77 -10.84 -11.62
CA MET A 230 12.95 -11.38 -12.28
C MET A 230 12.71 -11.68 -13.76
N THR A 231 11.54 -11.33 -14.30
CA THR A 231 11.40 -11.21 -15.74
C THR A 231 12.25 -10.11 -16.30
N ASN A 232 12.78 -9.24 -15.44
CA ASN A 232 13.54 -8.08 -15.84
C ASN A 232 15.03 -8.36 -15.97
N TYR A 233 15.48 -9.55 -15.67
CA TYR A 233 16.91 -9.77 -15.52
C TYR A 233 17.46 -10.64 -16.62
N THR A 234 18.74 -10.96 -16.50
CA THR A 234 19.46 -11.75 -17.48
C THR A 234 20.76 -12.22 -16.85
N THR A 235 21.08 -13.49 -17.03
CA THR A 235 22.28 -14.06 -16.43
C THR A 235 23.53 -13.58 -17.16
N LEU A 236 24.60 -13.36 -16.41
CA LEU A 236 25.86 -12.96 -16.98
C LEU A 236 27.00 -13.78 -16.34
N LEU A 237 28.17 -13.66 -16.95
CA LEU A 237 29.39 -14.28 -16.45
C LEU A 237 30.35 -13.21 -15.97
N GLU A 238 30.82 -13.35 -14.74
CA GLU A 238 31.67 -12.34 -14.12
C GLU A 238 32.95 -12.97 -13.63
N GLN A 239 33.57 -13.78 -14.48
CA GLN A 239 34.83 -14.41 -14.14
C GLN A 239 35.91 -13.36 -13.92
N SER A 240 36.85 -13.68 -13.02
CA SER A 240 37.97 -12.77 -12.79
C SER A 240 38.78 -12.58 -14.06
N LYS A 241 39.02 -13.66 -14.79
CA LYS A 241 39.80 -13.61 -16.02
C LYS A 241 39.31 -14.68 -16.97
N GLY A 242 39.28 -14.35 -18.26
CA GLY A 242 38.93 -15.32 -19.27
C GLY A 242 40.07 -16.17 -19.78
N ALA A 243 41.29 -15.88 -19.34
CA ALA A 243 42.48 -16.58 -19.82
C ALA A 243 42.67 -17.85 -18.99
N TYR A 244 41.92 -18.87 -19.34
CA TYR A 244 41.94 -20.14 -18.61
C TYR A 244 42.96 -21.07 -19.26
N TYR A 245 43.95 -21.48 -18.46
CA TYR A 245 45.08 -22.24 -18.96
C TYR A 245 44.66 -23.71 -19.12
N GLN A 246 45.64 -24.59 -19.27
CA GLN A 246 45.43 -25.98 -19.66
C GLN A 246 44.72 -26.78 -18.57
N GLY A 247 43.40 -26.85 -18.64
CA GLY A 247 42.63 -27.77 -17.83
C GLY A 247 42.62 -27.50 -16.34
N GLU A 248 43.02 -26.31 -15.89
CA GLU A 248 42.97 -26.00 -14.48
C GLU A 248 41.53 -25.87 -14.01
N SER A 249 41.31 -26.05 -12.71
CA SER A 249 39.98 -25.96 -12.14
C SER A 249 39.37 -24.59 -12.40
N PHE A 250 38.11 -24.59 -12.84
CA PHE A 250 37.45 -23.35 -13.22
C PHE A 250 37.06 -22.55 -11.98
N ASP A 251 36.78 -21.27 -12.20
CA ASP A 251 36.14 -20.44 -11.19
C ASP A 251 35.38 -19.35 -11.93
N GLY A 252 34.10 -19.20 -11.61
CA GLY A 252 33.28 -18.19 -12.24
C GLY A 252 32.02 -18.00 -11.41
N ALA A 253 31.09 -17.24 -11.97
CA ALA A 253 29.86 -16.95 -11.26
C ALA A 253 28.79 -16.57 -12.26
N ILE A 254 27.54 -16.71 -11.82
CA ILE A 254 26.38 -16.31 -12.60
C ILE A 254 25.65 -15.23 -11.82
N VAL A 255 25.49 -14.07 -12.41
CA VAL A 255 24.85 -12.94 -11.75
C VAL A 255 23.70 -12.45 -12.61
N LEU A 256 22.66 -11.94 -11.97
CA LEU A 256 21.47 -11.48 -12.66
C LEU A 256 21.72 -10.06 -13.16
N GLY A 257 22.29 -9.97 -14.37
CA GLY A 257 22.38 -8.67 -15.02
C GLY A 257 20.99 -8.13 -15.30
N ARG A 258 20.85 -6.82 -15.20
CA ARG A 258 19.55 -6.21 -15.47
C ARG A 258 19.37 -6.00 -16.96
N LYS A 259 18.14 -6.22 -17.40
CA LYS A 259 17.77 -6.11 -18.79
C LYS A 259 16.61 -5.16 -19.03
N ASP A 260 15.72 -4.98 -18.05
CA ASP A 260 14.57 -4.11 -18.19
C ASP A 260 14.97 -2.74 -18.69
N ALA A 261 14.60 -2.41 -19.94
CA ALA A 261 15.01 -1.16 -20.54
C ALA A 261 14.47 0.05 -19.78
N SER A 262 13.45 -0.13 -18.95
CA SER A 262 12.88 1.00 -18.22
C SER A 262 13.90 1.60 -17.27
N THR A 263 14.84 0.80 -16.77
CA THR A 263 15.86 1.33 -15.87
C THR A 263 16.72 2.34 -16.61
N ARG A 264 17.00 3.45 -15.97
CA ARG A 264 17.74 4.51 -16.63
C ARG A 264 18.59 5.25 -15.60
N PRO A 265 19.90 5.14 -15.68
CA PRO A 265 20.75 5.90 -14.77
C PRO A 265 20.51 7.38 -14.95
N ASN A 266 20.05 8.02 -13.88
CA ASN A 266 19.62 9.41 -13.98
C ASN A 266 20.75 10.30 -14.45
N GLU A 267 21.94 10.08 -13.93
CA GLU A 267 23.13 10.78 -14.39
C GLU A 267 24.25 9.75 -14.53
N VAL A 268 25.21 10.05 -15.37
CA VAL A 268 26.37 9.19 -15.55
C VAL A 268 27.63 10.05 -15.53
N GLU A 269 28.62 9.64 -14.74
CA GLU A 269 29.97 10.15 -14.90
C GLU A 269 30.86 8.94 -15.13
N LEU A 270 31.66 8.98 -16.19
CA LEU A 270 32.31 7.78 -16.67
C LEU A 270 33.75 8.15 -17.04
N MET A 271 34.65 7.98 -16.08
CA MET A 271 36.03 8.38 -16.26
C MET A 271 36.78 7.28 -17.00
N LEU A 272 37.56 7.68 -17.98
CA LEU A 272 38.44 6.77 -18.70
C LEU A 272 39.74 6.64 -17.91
N ASP A 273 40.80 6.14 -18.54
CA ASP A 273 42.07 5.94 -17.84
C ASP A 273 42.66 7.30 -17.49
N GLY A 274 41.97 8.03 -16.62
CA GLY A 274 42.41 9.38 -16.29
C GLY A 274 42.40 10.33 -17.46
N ARG A 275 41.49 10.18 -18.42
CA ARG A 275 41.38 11.17 -19.46
C ARG A 275 39.95 11.22 -19.96
N LYS A 276 39.61 12.32 -20.63
CA LYS A 276 38.36 12.52 -21.37
C LYS A 276 37.17 11.92 -20.63
N LEU A 277 36.90 12.47 -19.45
CA LEU A 277 35.79 11.98 -18.66
C LEU A 277 34.52 11.99 -19.49
N SER A 278 34.08 10.80 -19.89
CA SER A 278 32.75 10.55 -20.45
C SER A 278 32.35 11.61 -21.47
N ALA A 279 33.00 11.58 -22.62
CA ALA A 279 32.55 12.40 -23.73
C ALA A 279 31.05 12.18 -23.92
N SER A 280 30.28 13.25 -23.71
CA SER A 280 28.85 13.12 -23.44
C SER A 280 28.11 12.52 -24.61
N GLU A 281 27.69 11.27 -24.47
CA GLU A 281 26.92 10.54 -25.47
C GLU A 281 27.60 10.48 -26.82
N PHE A 282 28.86 10.93 -26.91
CA PHE A 282 29.62 10.75 -28.13
C PHE A 282 29.95 9.29 -28.34
N GLN A 283 30.17 8.57 -27.24
CA GLN A 283 30.45 7.14 -27.28
C GLN A 283 29.60 6.35 -26.33
N ILE A 284 29.03 6.95 -25.29
CA ILE A 284 28.14 6.26 -24.38
C ILE A 284 26.72 6.42 -24.89
N GLU A 285 25.95 5.34 -24.86
CA GLU A 285 24.56 5.38 -25.31
C GLU A 285 23.76 4.45 -24.42
N ASP A 286 22.94 5.03 -23.55
CA ASP A 286 22.00 4.26 -22.75
C ASP A 286 20.71 4.05 -23.54
N GLY A 287 20.87 3.56 -24.76
CA GLY A 287 19.71 3.24 -25.57
C GLY A 287 18.89 2.19 -24.84
N LYS A 288 19.46 0.99 -24.75
CA LYS A 288 18.95 -0.03 -23.86
C LYS A 288 19.65 0.20 -22.51
N VAL A 289 19.27 -0.55 -21.48
CA VAL A 289 20.06 -0.53 -20.25
C VAL A 289 21.46 -1.07 -20.46
N LYS A 290 21.71 -1.64 -21.63
CA LYS A 290 23.07 -1.88 -22.07
C LYS A 290 23.71 -0.50 -22.22
N LEU A 291 24.66 -0.14 -21.36
CA LEU A 291 25.35 1.14 -21.51
C LEU A 291 26.39 1.01 -22.63
N LYS A 292 25.89 1.06 -23.86
CA LYS A 292 26.79 0.99 -25.00
C LYS A 292 27.79 2.13 -24.92
N VAL A 293 29.05 1.78 -24.69
CA VAL A 293 30.15 2.74 -24.74
C VAL A 293 30.94 2.46 -26.01
N GLY A 294 30.95 3.43 -26.91
CA GLY A 294 31.65 3.29 -28.17
C GLY A 294 32.97 4.01 -28.14
N ALA A 295 33.62 3.99 -26.98
CA ALA A 295 34.83 4.75 -26.77
C ALA A 295 35.99 4.17 -27.58
N GLY A 296 37.00 5.00 -27.79
CA GLY A 296 38.21 4.57 -28.45
C GLY A 296 39.13 3.85 -27.49
N ASN A 297 40.33 3.56 -27.98
CA ASN A 297 41.27 2.76 -27.22
C ASN A 297 42.65 2.83 -27.86
N ALA A 298 43.66 2.47 -27.07
CA ALA A 298 45.03 2.36 -27.55
C ALA A 298 45.74 1.10 -27.06
N GLY A 299 45.18 0.38 -26.09
CA GLY A 299 45.83 -0.76 -25.50
C GLY A 299 45.18 -1.17 -24.19
N GLU A 300 45.97 -1.35 -23.14
CA GLU A 300 45.42 -1.69 -21.83
C GLU A 300 44.68 -0.50 -21.25
N HIS A 301 43.55 -0.77 -20.58
CA HIS A 301 42.63 0.28 -20.19
C HIS A 301 41.85 -0.13 -18.95
N LYS A 302 41.43 0.88 -18.18
CA LYS A 302 40.46 0.68 -17.12
C LYS A 302 39.41 1.77 -17.22
N ILE A 303 38.21 1.46 -16.75
CA ILE A 303 37.07 2.35 -16.81
C ILE A 303 36.52 2.50 -15.41
N THR A 304 36.38 3.74 -14.95
CA THR A 304 35.92 4.02 -13.60
C THR A 304 34.74 4.98 -13.73
N GLY A 305 34.02 5.19 -12.65
CA GLY A 305 33.02 6.23 -12.62
C GLY A 305 31.89 5.89 -11.68
N ASN A 306 30.81 6.65 -11.81
CA ASN A 306 29.63 6.46 -10.97
C ASN A 306 28.37 6.68 -11.79
N LEU A 307 27.39 5.81 -11.57
CA LEU A 307 26.06 5.95 -12.14
C LEU A 307 25.15 6.47 -11.05
N TYR A 308 24.58 7.66 -11.26
CA TYR A 308 23.78 8.32 -10.24
C TYR A 308 22.31 8.03 -10.52
N PHE A 309 21.68 7.34 -9.58
CA PHE A 309 20.27 7.04 -9.63
C PHE A 309 19.58 7.87 -8.55
N ASP A 310 18.66 8.72 -8.94
CA ASP A 310 17.94 9.54 -7.99
C ASP A 310 16.70 8.78 -7.59
N GLN A 311 16.81 7.97 -6.56
CA GLN A 311 15.73 7.10 -6.13
C GLN A 311 15.07 7.67 -4.89
N ASP A 312 13.77 7.91 -4.99
CA ASP A 312 12.95 8.28 -3.86
C ASP A 312 13.54 9.49 -3.13
N GLY A 313 13.99 10.47 -3.92
CA GLY A 313 14.52 11.70 -3.38
C GLY A 313 15.92 11.62 -2.82
N LYS A 314 16.68 10.59 -3.17
CA LYS A 314 18.06 10.49 -2.72
C LYS A 314 18.93 10.09 -3.90
N ARG A 315 20.03 10.80 -4.08
CA ARG A 315 20.99 10.42 -5.11
C ARG A 315 21.84 9.28 -4.58
N ILE A 316 21.95 8.20 -5.35
CA ILE A 316 22.77 7.06 -5.00
C ILE A 316 23.75 6.82 -6.14
N ALA A 317 25.02 6.71 -5.81
CA ALA A 317 26.06 6.49 -6.81
C ALA A 317 26.43 5.03 -6.81
N VAL A 318 26.31 4.39 -7.97
CA VAL A 318 26.72 3.01 -8.16
C VAL A 318 28.11 3.03 -8.77
N PRO A 319 29.12 2.50 -8.09
CA PRO A 319 30.50 2.63 -8.59
C PRO A 319 30.75 1.73 -9.77
N VAL A 320 31.69 2.15 -10.61
CA VAL A 320 32.14 1.39 -11.76
C VAL A 320 33.65 1.36 -11.72
N SER A 321 34.22 0.16 -11.69
CA SER A 321 35.67 -0.01 -11.72
C SER A 321 35.95 -1.32 -12.46
N GLN A 322 36.20 -1.21 -13.75
CA GLN A 322 36.40 -2.39 -14.58
C GLN A 322 37.63 -2.19 -15.45
N VAL A 323 37.99 -3.25 -16.16
CA VAL A 323 39.23 -3.28 -16.93
C VAL A 323 38.92 -3.80 -18.32
N PHE A 324 39.82 -3.52 -19.26
CA PHE A 324 39.68 -3.93 -20.63
C PHE A 324 41.01 -3.81 -21.35
N SER A 325 41.28 -4.74 -22.26
CA SER A 325 42.47 -4.67 -23.08
C SER A 325 42.25 -3.81 -24.32
N GLU B 30 -36.86 10.34 12.13
CA GLU B 30 -37.82 10.22 13.22
C GLU B 30 -37.24 9.43 14.38
N VAL B 31 -36.87 8.18 14.11
CA VAL B 31 -36.38 7.27 15.13
C VAL B 31 -34.89 7.00 14.99
N LEU B 32 -34.22 7.68 14.06
CA LEU B 32 -32.77 7.60 13.91
C LEU B 32 -32.33 6.18 13.57
N SER B 33 -32.84 5.68 12.45
CA SER B 33 -32.30 4.46 11.86
C SER B 33 -31.00 4.71 11.11
N ALA B 34 -30.60 5.98 10.99
CA ALA B 34 -29.32 6.30 10.35
C ALA B 34 -28.18 5.60 11.06
N PHE B 35 -28.26 5.47 12.38
CA PHE B 35 -27.27 4.70 13.10
C PHE B 35 -27.23 3.28 12.58
N GLY B 36 -28.39 2.68 12.37
CA GLY B 36 -28.43 1.32 11.88
C GLY B 36 -27.85 1.19 10.48
N LEU B 37 -28.19 2.12 9.61
CA LEU B 37 -27.63 2.07 8.26
C LEU B 37 -26.12 2.25 8.29
N MET B 38 -25.64 3.16 9.12
CA MET B 38 -24.20 3.38 9.17
C MET B 38 -23.53 2.12 9.68
N ASN B 39 -24.14 1.48 10.67
CA ASN B 39 -23.61 0.24 11.21
C ASN B 39 -23.56 -0.84 10.14
N GLU B 40 -24.63 -0.99 9.36
CA GLU B 40 -24.64 -2.06 8.39
C GLU B 40 -23.60 -1.82 7.29
N LYS B 41 -23.47 -0.56 6.85
CA LYS B 41 -22.44 -0.26 5.86
C LYS B 41 -21.05 -0.51 6.43
N LEU B 42 -20.83 -0.11 7.69
CA LEU B 42 -19.54 -0.33 8.31
C LEU B 42 -19.23 -1.80 8.39
N GLU B 43 -20.24 -2.62 8.71
CA GLU B 43 -20.00 -4.05 8.82
C GLU B 43 -19.65 -4.64 7.46
N ALA B 44 -20.40 -4.27 6.41
CA ALA B 44 -20.10 -4.78 5.09
C ALA B 44 -18.70 -4.39 4.65
N SER B 45 -18.34 -3.13 4.86
CA SER B 45 -16.98 -2.70 4.59
C SER B 45 -16.00 -3.51 5.42
N ASN B 46 -16.39 -3.93 6.61
CA ASN B 46 -15.51 -4.71 7.44
C ASN B 46 -15.22 -6.07 6.82
N GLU B 47 -16.26 -6.76 6.33
CA GLU B 47 -15.96 -8.04 5.70
C GLU B 47 -15.12 -7.85 4.45
N LYS B 48 -15.41 -6.83 3.64
CA LYS B 48 -14.62 -6.64 2.43
C LYS B 48 -13.16 -6.34 2.76
N ALA B 49 -12.93 -5.43 3.70
CA ALA B 49 -11.58 -5.10 4.10
C ALA B 49 -10.88 -6.30 4.73
N ASN B 50 -11.60 -7.08 5.52
CA ASN B 50 -10.98 -8.20 6.19
C ASN B 50 -10.61 -9.28 5.19
N ASN B 51 -11.43 -9.50 4.18
CA ASN B 51 -11.06 -10.41 3.12
C ASN B 51 -9.81 -9.93 2.42
N ALA B 52 -9.75 -8.63 2.13
CA ALA B 52 -8.55 -8.10 1.50
C ALA B 52 -7.33 -8.29 2.38
N ASN B 53 -7.48 -8.06 3.68
CA ASN B 53 -6.37 -8.21 4.60
C ASN B 53 -5.89 -9.65 4.66
N ILE B 54 -6.83 -10.58 4.72
CA ILE B 54 -6.47 -11.99 4.71
C ILE B 54 -5.69 -12.33 3.46
N ASN B 55 -6.16 -11.85 2.31
CA ASN B 55 -5.46 -12.13 1.06
C ASN B 55 -4.08 -11.52 1.07
N ALA B 56 -3.94 -10.30 1.60
CA ALA B 56 -2.66 -9.65 1.64
C ALA B 56 -1.67 -10.45 2.49
N ILE B 57 -2.12 -10.88 3.66
CA ILE B 57 -1.22 -11.67 4.49
C ILE B 57 -0.91 -12.99 3.83
N GLN B 58 -1.87 -13.57 3.12
CA GLN B 58 -1.60 -14.79 2.38
C GLN B 58 -0.49 -14.57 1.37
N ALA B 59 -0.53 -13.43 0.67
CA ALA B 59 0.51 -13.13 -0.30
C ALA B 59 1.85 -12.94 0.37
N LEU B 60 1.86 -12.32 1.54
CA LEU B 60 3.10 -12.23 2.31
C LEU B 60 3.61 -13.60 2.69
N GLU B 61 2.72 -14.49 3.12
CA GLU B 61 3.11 -15.86 3.46
C GLU B 61 3.70 -16.57 2.25
N GLN B 62 3.06 -16.40 1.10
CA GLN B 62 3.57 -17.03 -0.10
C GLN B 62 4.95 -16.52 -0.45
N ASN B 63 5.14 -15.21 -0.37
CA ASN B 63 6.45 -14.64 -0.67
C ASN B 63 7.50 -15.13 0.32
N ASN B 64 7.12 -15.20 1.59
CA ASN B 64 8.05 -15.70 2.60
C ASN B 64 8.41 -17.15 2.32
N ALA B 65 7.44 -17.94 1.89
CA ALA B 65 7.73 -19.30 1.47
C ALA B 65 8.71 -19.31 0.30
N GLU B 66 8.48 -18.44 -0.68
CA GLU B 66 9.37 -18.36 -1.82
C GLU B 66 10.75 -17.90 -1.41
N ASN B 67 10.84 -16.90 -0.54
CA ASN B 67 12.11 -16.25 -0.24
C ASN B 67 12.07 -15.77 1.21
N PRO B 68 12.28 -16.67 2.17
CA PRO B 68 12.12 -16.30 3.58
C PRO B 68 13.08 -15.22 4.04
N ASP B 69 14.32 -15.22 3.53
CA ASP B 69 15.30 -14.25 3.99
C ASP B 69 14.87 -12.83 3.66
N GLN B 70 14.18 -12.63 2.55
CA GLN B 70 13.73 -11.28 2.20
C GLN B 70 12.52 -10.87 3.02
N PHE B 71 11.41 -11.58 2.86
CA PHE B 71 10.17 -11.18 3.48
C PHE B 71 10.05 -11.66 4.91
N ALA B 72 11.16 -12.06 5.53
CA ALA B 72 11.11 -12.65 6.86
C ALA B 72 10.58 -11.67 7.89
N GLU B 73 11.26 -10.54 8.05
CA GLU B 73 10.85 -9.56 9.04
C GLU B 73 9.47 -9.01 8.72
N ALA B 74 9.21 -8.75 7.44
CA ALA B 74 7.90 -8.24 7.05
C ALA B 74 6.80 -9.22 7.42
N PHE B 75 7.03 -10.51 7.16
CA PHE B 75 6.03 -11.51 7.48
C PHE B 75 5.84 -11.64 8.98
N GLN B 76 6.94 -11.61 9.74
CA GLN B 76 6.82 -11.72 11.19
C GLN B 76 6.04 -10.55 11.75
N LYS B 77 6.38 -9.33 11.34
CA LYS B 77 5.68 -8.17 11.85
C LYS B 77 4.23 -8.16 11.41
N SER B 78 3.97 -8.58 10.18
CA SER B 78 2.60 -8.66 9.69
C SER B 78 1.80 -9.68 10.49
N LYS B 79 2.39 -10.82 10.82
CA LYS B 79 1.62 -11.81 11.56
C LYS B 79 1.42 -11.38 13.01
N LYS B 80 2.40 -10.69 13.59
CA LYS B 80 2.20 -10.14 14.93
C LYS B 80 1.06 -9.14 14.94
N VAL B 81 1.04 -8.23 13.95
CA VAL B 81 -0.04 -7.26 13.92
C VAL B 81 -1.36 -7.93 13.57
N LYS B 82 -1.32 -9.02 12.80
CA LYS B 82 -2.54 -9.76 12.55
C LYS B 82 -3.08 -10.36 13.84
N GLU B 83 -2.21 -10.95 14.64
CA GLU B 83 -2.64 -11.50 15.91
C GLU B 83 -3.24 -10.43 16.80
N LEU B 84 -2.53 -9.31 16.93
CA LEU B 84 -3.00 -8.24 17.79
C LEU B 84 -4.33 -7.70 17.30
N SER B 85 -4.44 -7.47 15.99
CA SER B 85 -5.64 -6.89 15.44
C SER B 85 -6.81 -7.82 15.58
N ASP B 86 -6.60 -9.12 15.34
CA ASP B 86 -7.70 -10.06 15.44
C ASP B 86 -8.13 -10.27 16.87
N SER B 87 -7.17 -10.28 17.81
CA SER B 87 -7.55 -10.33 19.22
C SER B 87 -8.41 -9.13 19.59
N PHE B 88 -7.95 -7.93 19.23
CA PHE B 88 -8.70 -6.72 19.54
C PHE B 88 -10.06 -6.73 18.87
N TYR B 89 -10.10 -7.09 17.60
CA TYR B 89 -11.34 -7.13 16.85
C TYR B 89 -12.31 -8.12 17.45
N ASN B 90 -11.83 -9.29 17.84
CA ASN B 90 -12.67 -10.30 18.43
C ASN B 90 -13.20 -9.83 19.78
N TYR B 91 -12.38 -9.15 20.56
CA TYR B 91 -12.85 -8.59 21.81
C TYR B 91 -13.99 -7.61 21.59
N ILE B 92 -13.79 -6.65 20.69
CA ILE B 92 -14.82 -5.66 20.42
C ILE B 92 -16.06 -6.33 19.85
N GLU B 93 -15.86 -7.34 19.00
CA GLU B 93 -16.98 -8.04 18.41
C GLU B 93 -17.77 -8.79 19.48
N GLY B 94 -17.07 -9.35 20.46
CA GLY B 94 -17.77 -9.99 21.55
C GLY B 94 -18.58 -9.01 22.35
N ILE B 95 -18.04 -7.82 22.59
CA ILE B 95 -18.80 -6.80 23.28
C ILE B 95 -20.03 -6.41 22.47
N LYS B 96 -19.85 -6.27 21.17
CA LYS B 96 -20.97 -5.92 20.29
C LYS B 96 -22.03 -7.01 20.32
N GLY B 97 -21.60 -8.27 20.33
CA GLY B 97 -22.56 -9.37 20.42
C GLY B 97 -23.29 -9.38 21.75
N GLU B 98 -22.58 -9.12 22.84
CA GLU B 98 -23.23 -8.99 24.13
C GLU B 98 -24.32 -7.93 24.06
N VAL B 99 -24.02 -6.78 23.46
CA VAL B 99 -25.01 -5.72 23.35
C VAL B 99 -26.20 -6.19 22.54
N MET B 100 -25.94 -6.75 21.36
CA MET B 100 -27.04 -7.15 20.48
C MET B 100 -27.81 -8.33 21.03
N ASN B 101 -27.33 -8.98 22.10
CA ASN B 101 -28.17 -9.96 22.78
C ASN B 101 -29.37 -9.29 23.44
N GLN B 102 -29.15 -8.19 24.15
CA GLN B 102 -30.20 -7.54 24.93
C GLN B 102 -31.22 -6.83 24.05
N VAL B 103 -30.94 -6.63 22.77
CA VAL B 103 -31.81 -5.81 21.95
C VAL B 103 -33.17 -6.48 21.73
N GLY B 104 -33.19 -7.79 21.59
CA GLY B 104 -34.42 -8.51 21.33
C GLY B 104 -34.21 -9.55 20.26
N GLU B 105 -35.33 -10.11 19.80
CA GLU B 105 -35.28 -11.22 18.85
C GLU B 105 -34.70 -10.79 17.50
N ASP B 106 -35.05 -9.59 17.04
CA ASP B 106 -34.60 -9.12 15.73
C ASP B 106 -33.41 -8.20 15.87
N LYS B 107 -32.71 -7.99 14.75
CA LYS B 107 -31.47 -7.23 14.74
C LYS B 107 -31.49 -6.11 13.71
N LYS B 108 -32.67 -5.64 13.32
CA LYS B 108 -32.78 -4.55 12.37
C LYS B 108 -33.80 -3.48 12.75
N ASP B 109 -34.67 -3.74 13.72
CA ASP B 109 -35.67 -2.76 14.12
C ASP B 109 -34.96 -1.74 15.01
N TYR B 110 -34.24 -0.82 14.37
CA TYR B 110 -33.28 0.01 15.08
C TYR B 110 -33.95 0.90 16.12
N GLN B 111 -35.16 1.37 15.84
CA GLN B 111 -35.89 2.15 16.84
C GLN B 111 -36.07 1.38 18.12
N VAL B 112 -36.14 0.05 18.06
CA VAL B 112 -36.15 -0.74 19.29
C VAL B 112 -34.81 -0.66 19.99
N MET B 113 -33.71 -0.67 19.23
CA MET B 113 -32.40 -0.54 19.83
C MET B 113 -32.15 0.88 20.31
N ASP B 114 -32.81 1.26 21.40
CA ASP B 114 -32.65 2.60 21.95
C ASP B 114 -32.59 2.65 23.46
N LYS B 115 -32.59 1.51 24.15
CA LYS B 115 -32.71 1.52 25.60
C LYS B 115 -31.52 2.20 26.25
N SER B 116 -30.30 1.76 25.91
CA SER B 116 -29.08 2.35 26.45
C SER B 116 -29.05 2.29 27.98
N ASP B 117 -29.25 1.09 28.51
CA ASP B 117 -29.35 0.91 29.95
C ASP B 117 -28.47 -0.21 30.50
N TYR B 118 -27.98 -1.11 29.67
CA TYR B 118 -27.17 -2.24 30.11
C TYR B 118 -25.68 -1.99 29.94
N LEU B 119 -25.29 -1.50 28.78
CA LEU B 119 -23.87 -1.35 28.48
C LEU B 119 -23.22 -0.32 29.39
N ASP B 120 -23.84 0.86 29.48
CA ASP B 120 -23.40 1.88 30.43
C ASP B 120 -23.32 1.32 31.84
N GLN B 121 -24.29 0.47 32.19
CA GLN B 121 -24.24 -0.18 33.49
C GLN B 121 -22.98 -1.03 33.61
N LYS B 122 -22.62 -1.75 32.56
CA LYS B 122 -21.58 -2.75 32.69
C LYS B 122 -20.18 -2.14 32.64
N PHE B 123 -19.98 -1.02 31.97
CA PHE B 123 -18.63 -0.47 31.99
C PHE B 123 -18.22 0.13 33.32
N PHE B 124 -19.13 0.84 34.00
CA PHE B 124 -18.68 1.70 35.07
C PHE B 124 -19.74 1.83 36.14
N VAL B 125 -19.29 2.12 37.36
CA VAL B 125 -20.14 2.40 38.50
C VAL B 125 -19.83 3.80 38.99
N GLY B 126 -20.84 4.66 39.01
CA GLY B 126 -20.61 6.04 39.37
C GLY B 126 -19.58 6.65 38.43
N ASP B 127 -18.60 7.32 39.02
CA ASP B 127 -17.50 7.84 38.21
C ASP B 127 -16.55 6.75 37.77
N ASN B 128 -16.25 5.81 38.65
CA ASN B 128 -15.18 4.86 38.40
C ASN B 128 -15.63 3.76 37.45
N TYR B 129 -14.68 3.25 36.67
CA TYR B 129 -14.93 2.19 35.74
C TYR B 129 -15.09 0.86 36.47
N LYS B 130 -15.95 0.02 35.95
CA LYS B 130 -16.02 -1.33 36.47
C LYS B 130 -14.84 -2.15 35.96
N PRO B 131 -14.47 -3.23 36.63
CA PRO B 131 -13.27 -3.95 36.21
C PRO B 131 -13.52 -4.81 34.98
N GLU B 132 -14.28 -4.29 34.04
CA GLU B 132 -14.35 -4.76 32.68
C GLU B 132 -14.22 -3.63 31.67
N GLY B 133 -14.83 -2.48 31.95
CA GLY B 133 -14.58 -1.32 31.12
C GLY B 133 -13.12 -0.91 31.17
N GLU B 134 -12.54 -0.92 32.36
CA GLU B 134 -11.10 -0.64 32.47
C GLU B 134 -10.29 -1.68 31.72
N GLU B 135 -10.76 -2.92 31.66
CA GLU B 135 -10.08 -3.92 30.84
C GLU B 135 -10.21 -3.59 29.37
N PHE B 136 -11.36 -3.08 28.97
CA PHE B 136 -11.58 -2.68 27.58
C PHE B 136 -10.62 -1.55 27.18
N VAL B 137 -10.55 -0.51 27.99
CA VAL B 137 -9.64 0.58 27.70
C VAL B 137 -8.20 0.11 27.74
N ARG B 138 -7.88 -0.76 28.70
CA ARG B 138 -6.54 -1.31 28.76
C ARG B 138 -6.21 -2.08 27.49
N GLN B 139 -7.18 -2.81 26.96
CA GLN B 139 -6.96 -3.54 25.72
C GLN B 139 -6.66 -2.58 24.59
N ILE B 140 -7.44 -1.50 24.50
CA ILE B 140 -7.18 -0.49 23.47
C ILE B 140 -5.76 0.05 23.60
N ASN B 141 -5.38 0.41 24.83
CA ASN B 141 -4.11 1.10 25.01
C ASN B 141 -2.94 0.16 24.84
N ASP B 142 -3.09 -1.09 25.26
CA ASP B 142 -2.08 -2.10 24.98
C ASP B 142 -1.92 -2.29 23.49
N TYR B 143 -3.05 -2.37 22.78
CA TYR B 143 -3.01 -2.51 21.33
C TYR B 143 -2.19 -1.39 20.71
N LYS B 144 -2.55 -0.15 21.03
CA LYS B 144 -1.84 0.97 20.45
C LYS B 144 -0.37 0.95 20.82
N THR B 145 -0.07 0.65 22.09
CA THR B 145 1.29 0.74 22.57
C THR B 145 2.20 -0.26 21.87
N GLN B 146 1.79 -1.53 21.85
CA GLN B 146 2.65 -2.51 21.21
C GLN B 146 2.62 -2.36 19.69
N LEU B 147 1.55 -1.83 19.14
CA LEU B 147 1.53 -1.61 17.70
C LEU B 147 2.53 -0.52 17.32
N VAL B 148 2.57 0.56 18.08
CA VAL B 148 3.52 1.63 17.79
C VAL B 148 4.93 1.13 18.01
N GLU B 149 5.17 0.48 19.15
CA GLU B 149 6.51 -0.03 19.43
C GLU B 149 6.93 -1.05 18.39
N LEU B 150 5.95 -1.71 17.76
CA LEU B 150 6.27 -2.66 16.71
C LEU B 150 6.68 -1.93 15.44
N LEU B 151 6.04 -0.81 15.16
CA LEU B 151 6.32 -0.03 13.95
C LEU B 151 7.45 0.96 14.18
N GLY B 152 8.54 0.50 14.78
CA GLY B 152 9.50 1.45 15.29
C GLY B 152 8.84 2.26 16.38
N GLY B 153 8.58 3.53 16.10
CA GLY B 153 7.90 4.36 17.06
C GLY B 153 7.39 5.63 16.43
N LYS B 154 7.08 6.61 17.27
CA LYS B 154 6.66 7.92 16.77
C LYS B 154 7.74 8.55 15.90
N GLU B 155 8.97 8.10 16.06
CA GLU B 155 10.10 8.57 15.28
C GLU B 155 10.48 7.49 14.28
N GLY B 156 11.62 7.68 13.62
CA GLY B 156 12.02 6.72 12.61
C GLY B 156 11.05 6.76 11.45
N THR B 157 10.92 5.62 10.79
CA THR B 157 9.98 5.52 9.68
C THR B 157 8.56 5.37 10.21
N TYR B 158 7.61 5.31 9.26
CA TYR B 158 6.20 5.05 9.55
C TYR B 158 5.57 6.09 10.45
N GLY B 159 6.15 7.28 10.54
CA GLY B 159 5.67 8.25 11.51
C GLY B 159 4.23 8.67 11.27
N GLU B 160 3.88 8.93 10.01
CA GLU B 160 2.52 9.33 9.69
C GLU B 160 1.53 8.23 10.04
N LEU B 161 1.90 6.99 9.78
CA LEU B 161 1.04 5.87 10.16
C LEU B 161 0.88 5.81 11.67
N VAL B 162 1.96 6.05 12.40
CA VAL B 162 1.88 6.09 13.86
C VAL B 162 0.93 7.17 14.30
N GLY B 163 0.98 8.32 13.63
CA GLY B 163 0.04 9.38 13.93
C GLY B 163 -1.39 8.95 13.72
N LYS B 164 -1.63 8.24 12.61
CA LYS B 164 -2.98 7.74 12.35
C LYS B 164 -3.43 6.80 13.46
N ILE B 165 -2.54 5.91 13.89
CA ILE B 165 -2.89 4.96 14.95
C ILE B 165 -3.22 5.71 16.23
N ASP B 166 -2.36 6.65 16.62
CA ASP B 166 -2.58 7.36 17.87
C ASP B 166 -3.87 8.16 17.82
N GLY B 167 -4.14 8.83 16.71
CA GLY B 167 -5.35 9.61 16.60
C GLY B 167 -6.59 8.74 16.60
N ASN B 168 -6.52 7.58 15.94
CA ASN B 168 -7.68 6.71 15.90
C ASN B 168 -7.93 6.05 17.25
N PHE B 169 -6.87 5.59 17.89
CA PHE B 169 -6.96 4.86 19.15
C PHE B 169 -6.26 5.69 20.22
N ASN B 170 -7.05 6.34 21.06
CA ASN B 170 -6.49 7.05 22.20
C ASN B 170 -7.59 7.27 23.20
N THR B 171 -7.24 7.19 24.49
CA THR B 171 -8.21 7.37 25.56
C THR B 171 -7.80 8.48 26.51
N ASN B 172 -6.95 9.39 26.06
CA ASN B 172 -6.65 10.57 26.85
C ASN B 172 -7.94 11.32 27.14
N ASP B 173 -8.15 11.66 28.41
CA ASP B 173 -9.39 12.32 28.80
C ASP B 173 -9.49 13.67 28.13
N VAL B 174 -10.64 13.95 27.54
CA VAL B 174 -10.81 15.11 26.68
C VAL B 174 -11.90 15.99 27.27
N VAL B 175 -11.91 17.25 26.83
CA VAL B 175 -12.75 18.28 27.42
C VAL B 175 -13.87 18.62 26.45
N ASP B 176 -15.10 18.71 26.98
CA ASP B 176 -16.30 18.93 26.19
C ASP B 176 -16.44 20.39 25.80
N ARG B 177 -17.66 20.79 25.39
CA ARG B 177 -17.94 22.19 25.15
C ARG B 177 -17.51 23.04 26.34
N GLU B 178 -17.91 22.62 27.54
CA GLU B 178 -17.48 23.29 28.76
C GLU B 178 -16.00 23.01 28.99
N GLY B 179 -15.38 23.84 29.82
CA GLY B 179 -13.97 23.68 30.11
C GLY B 179 -13.70 22.64 31.17
N VAL B 180 -14.42 21.51 31.10
CA VAL B 180 -14.34 20.47 32.10
C VAL B 180 -14.01 19.15 31.42
N THR B 181 -13.08 18.40 32.02
CA THR B 181 -12.52 17.21 31.39
C THR B 181 -13.42 16.00 31.61
N ARG B 182 -13.73 15.29 30.52
CA ARG B 182 -14.46 14.04 30.55
C ARG B 182 -13.53 12.86 30.38
N LYS B 183 -13.80 11.80 31.13
CA LYS B 183 -13.08 10.54 30.94
C LYS B 183 -13.47 9.91 29.62
N TRP B 184 -12.48 9.31 28.94
CA TRP B 184 -12.69 8.86 27.57
C TRP B 184 -13.86 7.89 27.49
N LEU B 185 -13.84 6.84 28.31
CA LEU B 185 -14.87 5.84 28.23
C LEU B 185 -16.24 6.45 28.45
N ASN B 186 -16.33 7.36 29.42
CA ASN B 186 -17.59 8.06 29.63
C ASN B 186 -17.98 8.84 28.39
N TYR B 187 -17.17 9.81 28.00
CA TYR B 187 -17.54 10.71 26.91
C TYR B 187 -17.94 9.94 25.67
N ASN B 188 -17.31 8.80 25.42
CA ASN B 188 -17.65 8.00 24.26
C ASN B 188 -18.81 7.04 24.51
N PHE B 189 -19.09 6.69 25.75
CA PHE B 189 -20.06 5.63 26.02
C PHE B 189 -20.95 5.96 27.22
N GLU B 190 -21.49 7.17 27.26
CA GLU B 190 -22.48 7.51 28.28
C GLU B 190 -23.87 7.46 27.68
N GLY B 191 -24.68 6.51 28.14
CA GLY B 191 -26.09 6.44 27.84
C GLY B 191 -26.44 6.51 26.37
N PHE B 192 -25.44 6.38 25.51
CA PHE B 192 -25.70 6.40 24.08
C PHE B 192 -26.55 5.20 23.70
N PRO B 193 -27.49 5.38 22.78
CA PRO B 193 -28.36 4.27 22.40
C PRO B 193 -27.55 3.08 21.93
N TYR B 194 -28.06 1.89 22.22
CA TYR B 194 -27.30 0.67 21.97
C TYR B 194 -26.78 0.64 20.53
N ILE B 195 -27.63 1.04 19.58
CA ILE B 195 -27.17 1.05 18.20
C ILE B 195 -26.07 2.08 18.00
N ALA B 196 -26.11 3.19 18.72
CA ALA B 196 -25.04 4.18 18.59
C ALA B 196 -23.72 3.60 19.08
N SER B 197 -23.74 2.93 20.22
CA SER B 197 -22.53 2.30 20.70
C SER B 197 -22.06 1.23 19.74
N VAL B 198 -22.99 0.48 19.16
CA VAL B 198 -22.65 -0.54 18.18
C VAL B 198 -21.95 0.09 16.99
N ALA B 199 -22.48 1.21 16.50
CA ALA B 199 -21.87 1.87 15.35
C ALA B 199 -20.50 2.42 15.70
N LYS B 200 -20.34 2.95 16.92
CA LYS B 200 -19.01 3.40 17.32
C LYS B 200 -18.03 2.26 17.33
N LEU B 201 -18.44 1.12 17.90
CA LEU B 201 -17.57 -0.05 17.92
C LEU B 201 -17.28 -0.55 16.52
N SER B 202 -18.26 -0.44 15.62
CA SER B 202 -18.03 -0.83 14.24
C SER B 202 -17.00 0.10 13.60
N MET B 203 -17.06 1.39 13.91
CA MET B 203 -16.01 2.29 13.43
C MET B 203 -14.67 1.88 13.99
N MET B 204 -14.63 1.45 15.25
CA MET B 204 -13.37 0.98 15.81
C MET B 204 -12.86 -0.23 15.06
N GLN B 205 -13.75 -1.16 14.76
CA GLN B 205 -13.36 -2.34 13.98
C GLN B 205 -12.85 -1.92 12.61
N SER B 206 -13.52 -0.95 11.99
CA SER B 206 -13.09 -0.45 10.69
C SER B 206 -11.72 0.19 10.78
N ASP B 207 -11.46 0.93 11.85
CA ASP B 207 -10.12 1.48 12.06
C ASP B 207 -9.10 0.37 12.20
N ILE B 208 -9.45 -0.69 12.91
CA ILE B 208 -8.51 -1.79 13.07
C ILE B 208 -8.17 -2.41 11.74
N ARG B 209 -9.20 -2.68 10.92
CA ARG B 209 -8.96 -3.27 9.61
C ARG B 209 -8.19 -2.32 8.69
N ALA B 210 -8.55 -1.04 8.69
CA ALA B 210 -7.85 -0.06 7.88
C ALA B 210 -6.40 0.06 8.31
N THR B 211 -6.17 0.07 9.61
CA THR B 211 -4.81 0.07 10.15
C THR B 211 -4.05 -1.15 9.71
N GLU B 212 -4.73 -2.31 9.72
CA GLU B 212 -4.11 -3.53 9.21
C GLU B 212 -3.63 -3.34 7.79
N GLN B 213 -4.51 -2.85 6.91
CA GLN B 213 -4.16 -2.77 5.51
C GLN B 213 -3.07 -1.74 5.28
N GLU B 214 -3.13 -0.61 5.97
CA GLU B 214 -2.07 0.37 5.84
C GLU B 214 -0.76 -0.19 6.33
N VAL B 215 -0.79 -0.92 7.45
CA VAL B 215 0.44 -1.49 7.99
C VAL B 215 1.02 -2.49 7.02
N TYR B 216 0.20 -3.41 6.52
CA TYR B 216 0.71 -4.42 5.60
C TYR B 216 1.28 -3.76 4.36
N ALA B 217 0.58 -2.78 3.82
CA ALA B 217 1.06 -2.09 2.64
C ALA B 217 2.38 -1.40 2.92
N GLU B 218 2.53 -0.77 4.07
CA GLU B 218 3.78 -0.13 4.40
C GLU B 218 4.92 -1.13 4.55
N MET B 219 4.66 -2.26 5.19
CA MET B 219 5.72 -3.26 5.34
C MET B 219 6.13 -3.80 3.98
N LEU B 220 5.16 -4.11 3.13
CA LEU B 220 5.48 -4.63 1.81
C LEU B 220 6.21 -3.59 0.97
N LYS B 221 5.74 -2.34 1.00
CA LYS B 221 6.40 -1.29 0.24
C LYS B 221 7.82 -1.08 0.72
N GLY B 222 8.03 -1.14 2.04
CA GLY B 222 9.38 -1.05 2.56
C GLY B 222 10.26 -2.16 2.04
N GLN B 223 9.74 -3.39 2.05
CA GLN B 223 10.55 -4.51 1.57
C GLN B 223 10.88 -4.34 0.09
N LEU B 224 9.88 -3.99 -0.72
CA LEU B 224 10.12 -3.84 -2.14
C LEU B 224 11.13 -2.74 -2.40
N LYS B 225 10.91 -1.57 -1.82
CA LYS B 225 11.81 -0.45 -2.03
C LYS B 225 13.21 -0.77 -1.54
N SER B 226 13.33 -1.68 -0.57
CA SER B 226 14.65 -2.21 -0.27
C SER B 226 15.16 -3.07 -1.40
N GLN B 227 14.27 -3.78 -2.09
CA GLN B 227 14.72 -4.68 -3.15
C GLN B 227 15.12 -3.93 -4.40
N ILE B 228 14.41 -2.86 -4.73
CA ILE B 228 14.73 -2.09 -5.92
C ILE B 228 15.83 -1.08 -5.71
N SER B 229 16.29 -0.90 -4.47
CA SER B 229 17.34 0.06 -4.20
C SER B 229 18.58 -0.25 -5.02
N MET B 230 19.10 0.75 -5.70
CA MET B 230 20.33 0.53 -6.45
C MET B 230 21.52 0.26 -5.55
N THR B 231 21.40 0.42 -4.24
CA THR B 231 22.43 -0.08 -3.35
C THR B 231 22.58 -1.60 -3.44
N ASN B 232 21.68 -2.26 -4.15
CA ASN B 232 21.72 -3.71 -4.29
C ASN B 232 22.51 -4.15 -5.50
N TYR B 233 23.11 -3.24 -6.25
CA TYR B 233 23.70 -3.59 -7.53
C TYR B 233 25.17 -3.24 -7.57
N THR B 234 25.87 -3.89 -8.49
CA THR B 234 27.21 -3.52 -8.90
C THR B 234 27.21 -3.43 -10.41
N THR B 235 28.35 -3.06 -11.00
CA THR B 235 28.43 -2.80 -12.42
C THR B 235 29.37 -3.79 -13.08
N LEU B 236 28.91 -4.37 -14.19
CA LEU B 236 29.70 -5.32 -14.95
C LEU B 236 29.76 -4.86 -16.39
N LEU B 237 30.63 -5.50 -17.18
CA LEU B 237 30.70 -5.26 -18.60
C LEU B 237 30.75 -6.59 -19.33
N GLU B 238 30.55 -6.54 -20.64
CA GLU B 238 30.75 -7.69 -21.49
C GLU B 238 30.90 -7.21 -22.93
N GLN B 239 31.59 -8.02 -23.72
CA GLN B 239 31.76 -7.74 -25.14
C GLN B 239 31.79 -9.08 -25.87
N SER B 240 31.77 -9.02 -27.20
CA SER B 240 31.82 -10.23 -28.01
C SER B 240 33.10 -11.01 -27.76
N LYS B 241 34.26 -10.35 -27.84
CA LYS B 241 35.53 -11.05 -27.70
C LYS B 241 36.40 -10.51 -26.59
N GLY B 242 36.51 -9.19 -26.45
CA GLY B 242 37.40 -8.62 -25.47
C GLY B 242 38.63 -7.97 -26.06
N ALA B 243 39.80 -8.58 -25.86
CA ALA B 243 41.06 -7.91 -26.13
C ALA B 243 41.21 -7.53 -27.60
N TYR B 244 42.02 -6.51 -27.85
CA TYR B 244 42.33 -6.10 -29.21
C TYR B 244 43.80 -5.78 -29.45
N TYR B 245 44.66 -5.93 -28.44
CA TYR B 245 46.12 -5.90 -28.60
C TYR B 245 46.60 -4.59 -29.20
N GLN B 246 45.67 -3.66 -29.42
CA GLN B 246 45.92 -2.51 -30.29
C GLN B 246 44.73 -1.57 -30.19
N GLY B 247 44.98 -0.30 -30.46
CA GLY B 247 43.92 0.68 -30.40
C GLY B 247 43.11 0.80 -31.68
N GLU B 248 41.91 0.21 -31.70
CA GLU B 248 41.00 0.31 -32.83
C GLU B 248 39.69 0.99 -32.45
N SER B 249 38.96 0.45 -31.48
CA SER B 249 37.65 0.96 -31.06
C SER B 249 37.22 0.13 -29.86
N PHE B 250 35.99 0.35 -29.40
CA PHE B 250 35.47 -0.44 -28.30
C PHE B 250 33.95 -0.37 -28.29
N ASP B 251 33.31 -1.49 -28.62
CA ASP B 251 31.85 -1.60 -28.53
C ASP B 251 31.43 -2.41 -27.29
N GLY B 252 31.70 -1.83 -26.12
CA GLY B 252 31.34 -2.46 -24.87
C GLY B 252 29.99 -1.98 -24.35
N ALA B 253 29.60 -2.53 -23.20
CA ALA B 253 28.37 -2.14 -22.55
C ALA B 253 28.51 -2.36 -21.06
N ILE B 254 27.74 -1.59 -20.28
CA ILE B 254 27.80 -1.62 -18.83
C ILE B 254 26.42 -2.02 -18.31
N VAL B 255 26.41 -2.93 -17.34
CA VAL B 255 25.19 -3.56 -16.86
C VAL B 255 25.17 -3.52 -15.34
N LEU B 256 23.96 -3.58 -14.79
CA LEU B 256 23.76 -3.55 -13.35
C LEU B 256 23.57 -4.98 -12.86
N GLY B 257 24.68 -5.63 -12.53
CA GLY B 257 24.59 -6.92 -11.88
C GLY B 257 23.97 -6.82 -10.50
N ARG B 258 23.18 -7.82 -10.15
CA ARG B 258 22.46 -7.81 -8.89
C ARG B 258 23.33 -8.45 -7.82
N LYS B 259 23.70 -7.67 -6.80
CA LYS B 259 24.55 -8.16 -5.73
C LYS B 259 23.82 -8.26 -4.40
N ASP B 260 22.49 -8.23 -4.40
CA ASP B 260 21.73 -8.44 -3.18
C ASP B 260 22.02 -9.83 -2.63
N ALA B 261 22.32 -9.91 -1.35
CA ALA B 261 22.56 -11.21 -0.74
C ALA B 261 21.27 -12.01 -0.61
N SER B 262 20.17 -11.36 -0.27
CA SER B 262 18.94 -12.06 0.09
C SER B 262 18.18 -12.60 -1.11
N THR B 263 18.55 -12.25 -2.33
CA THR B 263 17.90 -12.81 -3.50
C THR B 263 18.61 -14.08 -3.93
N ARG B 264 17.83 -15.12 -4.23
CA ARG B 264 18.45 -16.39 -4.58
C ARG B 264 17.44 -17.24 -5.33
N PRO B 265 17.87 -18.02 -6.32
CA PRO B 265 16.93 -18.81 -7.10
C PRO B 265 16.37 -19.96 -6.28
N ASN B 266 15.11 -20.29 -6.57
CA ASN B 266 14.53 -21.47 -5.94
C ASN B 266 15.06 -22.75 -6.57
N GLU B 267 15.16 -22.79 -7.89
CA GLU B 267 15.70 -23.96 -8.57
C GLU B 267 16.81 -23.52 -9.50
N VAL B 268 17.84 -24.35 -9.60
CA VAL B 268 18.99 -24.00 -10.42
C VAL B 268 19.37 -25.18 -11.32
N GLU B 269 18.79 -25.27 -12.51
CA GLU B 269 19.09 -26.40 -13.38
C GLU B 269 20.16 -25.95 -14.36
N LEU B 270 21.29 -26.66 -14.35
CA LEU B 270 22.44 -26.28 -15.18
C LEU B 270 22.91 -27.51 -15.95
N MET B 271 22.29 -27.76 -17.10
CA MET B 271 22.84 -28.72 -18.05
C MET B 271 23.72 -27.91 -18.99
N LEU B 272 24.98 -27.76 -18.59
CA LEU B 272 25.92 -26.88 -19.27
C LEU B 272 26.07 -27.19 -20.74
N ASP B 273 26.59 -28.36 -21.06
CA ASP B 273 26.71 -28.78 -22.45
C ASP B 273 26.28 -30.23 -22.60
N GLY B 274 25.25 -30.60 -21.85
CA GLY B 274 24.69 -31.94 -21.96
C GLY B 274 25.28 -32.96 -21.03
N ARG B 275 26.24 -32.60 -20.19
CA ARG B 275 26.90 -33.64 -19.40
C ARG B 275 26.18 -33.97 -18.11
N LYS B 276 25.81 -32.97 -17.30
CA LYS B 276 25.18 -33.26 -16.02
C LYS B 276 24.53 -31.99 -15.49
N LEU B 277 23.97 -32.08 -14.29
CA LEU B 277 23.42 -30.91 -13.59
C LEU B 277 24.48 -30.29 -12.70
N SER B 278 25.65 -30.02 -13.28
CA SER B 278 26.71 -29.22 -12.68
C SER B 278 27.03 -29.65 -11.24
N ALA B 279 26.74 -30.92 -10.95
CA ALA B 279 26.97 -31.45 -9.61
C ALA B 279 26.37 -30.52 -8.56
N SER B 280 25.03 -30.42 -8.54
CA SER B 280 24.28 -29.47 -7.73
C SER B 280 24.89 -29.18 -6.36
N GLU B 281 25.36 -30.23 -5.67
CA GLU B 281 26.00 -30.01 -4.36
C GLU B 281 27.29 -29.23 -4.52
N PHE B 282 27.96 -29.43 -5.64
CA PHE B 282 29.23 -28.79 -5.97
C PHE B 282 29.00 -27.43 -6.60
N GLN B 283 29.95 -27.00 -7.43
CA GLN B 283 30.30 -25.62 -7.72
C GLN B 283 29.17 -24.62 -7.62
N ILE B 284 27.99 -24.94 -8.12
CA ILE B 284 26.89 -23.99 -8.00
C ILE B 284 26.69 -23.68 -6.52
N GLU B 285 26.88 -22.42 -6.15
CA GLU B 285 26.80 -22.00 -4.76
C GLU B 285 25.84 -20.84 -4.63
N ASP B 286 24.80 -21.02 -3.85
CA ASP B 286 23.80 -19.99 -3.61
C ASP B 286 24.17 -19.11 -2.43
N GLY B 287 25.35 -19.32 -1.84
CA GLY B 287 25.70 -18.61 -0.62
C GLY B 287 25.64 -17.11 -0.78
N LYS B 288 26.18 -16.61 -1.87
CA LYS B 288 25.96 -15.23 -2.29
C LYS B 288 25.03 -15.27 -3.51
N VAL B 289 24.66 -14.08 -3.98
CA VAL B 289 23.77 -13.97 -5.14
C VAL B 289 24.37 -14.68 -6.35
N LYS B 290 25.68 -14.62 -6.51
CA LYS B 290 26.31 -15.28 -7.62
C LYS B 290 26.27 -16.79 -7.43
N LEU B 291 26.49 -17.51 -8.53
CA LEU B 291 26.55 -18.97 -8.52
C LEU B 291 27.99 -19.34 -8.81
N LYS B 292 28.75 -19.58 -7.75
CA LYS B 292 30.20 -19.64 -7.85
C LYS B 292 30.66 -20.93 -8.52
N VAL B 293 30.40 -21.04 -9.82
CA VAL B 293 30.71 -22.26 -10.55
C VAL B 293 32.21 -22.38 -10.75
N GLY B 294 32.75 -23.57 -10.47
CA GLY B 294 34.15 -23.90 -10.64
C GLY B 294 34.37 -25.24 -11.33
N ALA B 295 33.54 -25.55 -12.32
CA ALA B 295 33.44 -26.91 -12.83
C ALA B 295 34.70 -27.31 -13.62
N GLY B 296 34.63 -28.48 -14.24
CA GLY B 296 35.76 -29.04 -14.95
C GLY B 296 36.10 -28.29 -16.22
N ASN B 297 37.25 -28.64 -16.81
CA ASN B 297 37.81 -27.90 -17.93
C ASN B 297 38.54 -28.85 -18.87
N ALA B 298 38.06 -28.94 -20.11
CA ALA B 298 38.73 -29.72 -21.13
C ALA B 298 38.69 -29.04 -22.50
N GLY B 299 38.45 -27.74 -22.56
CA GLY B 299 38.35 -27.04 -23.83
C GLY B 299 37.47 -25.81 -23.67
N GLU B 300 36.96 -25.33 -24.81
CA GLU B 300 35.93 -24.31 -24.76
C GLU B 300 34.66 -24.93 -24.21
N HIS B 301 33.90 -24.15 -23.46
CA HIS B 301 32.79 -24.69 -22.69
C HIS B 301 31.55 -23.82 -22.83
N LYS B 302 30.43 -24.47 -23.09
CA LYS B 302 29.12 -23.84 -23.15
C LYS B 302 28.38 -24.15 -21.86
N ILE B 303 27.94 -23.13 -21.15
CA ILE B 303 27.13 -23.28 -19.95
C ILE B 303 25.71 -22.85 -20.28
N THR B 304 24.77 -23.74 -20.04
CA THR B 304 23.39 -23.47 -20.39
C THR B 304 22.48 -24.04 -19.32
N GLY B 305 21.30 -23.45 -19.18
CA GLY B 305 20.34 -23.94 -18.22
C GLY B 305 19.30 -22.90 -17.90
N ASN B 306 18.65 -23.09 -16.76
CA ASN B 306 17.56 -22.23 -16.36
C ASN B 306 17.62 -21.96 -14.86
N LEU B 307 17.28 -20.73 -14.50
CA LEU B 307 17.16 -20.29 -13.12
C LEU B 307 15.69 -20.15 -12.84
N TYR B 308 15.22 -20.71 -11.76
CA TYR B 308 13.80 -20.72 -11.45
C TYR B 308 13.60 -19.92 -10.18
N PHE B 309 12.97 -18.76 -10.32
CA PHE B 309 12.63 -17.89 -9.21
C PHE B 309 11.13 -17.93 -9.02
N ASP B 310 10.68 -18.34 -7.84
CA ASP B 310 9.28 -18.21 -7.52
C ASP B 310 8.99 -16.77 -7.15
N GLN B 311 7.99 -16.19 -7.77
CA GLN B 311 7.64 -14.79 -7.54
C GLN B 311 6.13 -14.66 -7.56
N ASP B 312 5.56 -14.30 -6.42
CA ASP B 312 4.11 -14.18 -6.29
C ASP B 312 3.40 -15.42 -6.84
N GLY B 313 3.98 -16.57 -6.57
CA GLY B 313 3.48 -17.82 -7.11
C GLY B 313 4.14 -18.28 -8.37
N LYS B 314 4.20 -17.43 -9.39
CA LYS B 314 4.64 -17.89 -10.70
C LYS B 314 6.10 -18.32 -10.65
N ARG B 315 6.45 -19.23 -11.55
CA ARG B 315 7.80 -19.79 -11.60
C ARG B 315 8.53 -19.12 -12.76
N ILE B 316 9.11 -17.95 -12.49
CA ILE B 316 9.84 -17.23 -13.52
C ILE B 316 11.11 -17.99 -13.86
N ALA B 317 11.46 -17.97 -15.15
CA ALA B 317 12.55 -18.76 -15.69
C ALA B 317 13.55 -17.82 -16.35
N VAL B 318 14.66 -17.57 -15.66
CA VAL B 318 15.75 -16.78 -16.20
C VAL B 318 16.66 -17.73 -16.98
N PRO B 319 16.62 -17.72 -18.30
CA PRO B 319 17.51 -18.60 -19.07
C PRO B 319 18.94 -18.15 -18.92
N VAL B 320 19.85 -19.12 -18.93
CA VAL B 320 21.27 -18.84 -18.90
C VAL B 320 21.92 -19.57 -20.07
N SER B 321 22.71 -18.83 -20.85
CA SER B 321 23.36 -19.42 -22.02
C SER B 321 24.61 -18.58 -22.31
N GLN B 322 25.76 -19.07 -21.88
CA GLN B 322 27.01 -18.35 -22.08
C GLN B 322 28.11 -19.33 -22.45
N VAL B 323 29.24 -18.78 -22.86
CA VAL B 323 30.40 -19.57 -23.25
C VAL B 323 31.62 -19.02 -22.55
N PHE B 324 32.41 -19.90 -21.95
CA PHE B 324 33.73 -19.54 -21.47
C PHE B 324 34.71 -20.56 -22.04
N SER B 325 35.79 -20.07 -22.64
CA SER B 325 36.72 -20.91 -23.36
C SER B 325 37.99 -21.10 -22.55
N THR B 326 38.40 -22.36 -22.41
CA THR B 326 39.64 -22.71 -21.73
C THR B 326 40.49 -23.51 -22.70
N ILE B 327 41.78 -23.19 -22.76
CA ILE B 327 42.65 -24.12 -23.47
C ILE B 327 42.79 -25.39 -22.63
N PRO B 328 42.62 -26.59 -23.21
CA PRO B 328 42.58 -27.80 -22.39
C PRO B 328 43.96 -28.25 -21.92
#